data_5YCZ
#
_entry.id   5YCZ
#
_cell.length_a   51.446
_cell.length_b   51.446
_cell.length_c   298.184
_cell.angle_alpha   90.000
_cell.angle_beta   90.000
_cell.angle_gamma   90.000
#
_symmetry.space_group_name_H-M   'P 43 21 2'
#
loop_
_entity.id
_entity.type
_entity.pdbx_description
1 polymer 'Trypsin/chymotrypsin inhibitor'
2 water water
#
_entity_poly.entity_id   1
_entity_poly.type   'polypeptide(L)'
_entity_poly.pdbx_seq_one_letter_code
;TNPVLDVDGNELQRGQLYYATSVMRPGGGLTLAAPKGSCPLNVAQAPFDEYSGRPLAFFPENADDDTVQEGSTLYIMFPE
PTRCPQSTVWTFDREAGFVTTGGTTSKAIGPHNSRFAIRKAGDASSQPRDYQIEVCPCSTGVERPSCRMGCLGTLGLAEG
GKNVLLNINNESPHTIRFVKVKEG
;
_entity_poly.pdbx_strand_id   A,B
#
# COMPACT_ATOMS: atom_id res chain seq x y z
N THR A 1 -17.00 21.01 2.83
CA THR A 1 -16.96 21.13 4.28
C THR A 1 -15.55 21.50 4.76
N ASN A 2 -15.14 20.89 5.88
CA ASN A 2 -13.87 21.21 6.52
C ASN A 2 -12.90 20.06 6.33
N PRO A 3 -11.72 20.30 5.76
CA PRO A 3 -10.74 19.23 5.66
C PRO A 3 -10.23 18.84 7.04
N VAL A 4 -9.56 17.74 7.06
CA VAL A 4 -8.81 17.29 8.22
C VAL A 4 -7.42 17.91 8.11
N LEU A 5 -6.81 18.24 9.24
CA LEU A 5 -5.50 18.87 9.26
C LEU A 5 -4.52 18.06 10.09
N ASP A 6 -3.23 18.20 9.76
CA ASP A 6 -2.16 17.55 10.51
C ASP A 6 -1.78 18.43 11.71
N VAL A 7 -0.71 18.06 12.41
CA VAL A 7 -0.22 18.89 13.51
C VAL A 7 0.23 20.25 12.98
N ASP A 8 0.69 20.28 11.73
CA ASP A 8 1.17 21.49 11.06
C ASP A 8 0.06 22.32 10.43
N GLY A 9 -1.20 22.05 10.78
CA GLY A 9 -2.31 22.80 10.20
C GLY A 9 -2.60 22.50 8.74
N ASN A 10 -1.61 22.02 7.98
CA ASN A 10 -1.80 21.69 6.57
C ASN A 10 -2.92 20.68 6.40
N GLU A 11 -3.47 20.63 5.19
CA GLU A 11 -4.52 19.66 4.92
C GLU A 11 -3.94 18.25 4.80
N LEU A 12 -4.84 17.28 4.64
CA LEU A 12 -4.49 15.86 4.54
C LEU A 12 -4.47 15.49 3.07
N GLN A 13 -3.29 15.46 2.48
CA GLN A 13 -3.20 15.19 1.06
C GLN A 13 -3.57 13.74 0.80
N ARG A 14 -4.20 13.50 -0.35
CA ARG A 14 -4.52 12.13 -0.74
C ARG A 14 -3.24 11.40 -1.09
N GLY A 15 -3.07 10.20 -0.50
CA GLY A 15 -1.96 9.34 -0.82
C GLY A 15 -0.68 9.60 -0.08
N GLN A 16 -0.48 10.80 0.47
CA GLN A 16 0.73 11.05 1.23
C GLN A 16 0.70 10.28 2.55
N LEU A 17 1.88 10.15 3.17
CA LEU A 17 2.05 9.30 4.33
C LEU A 17 1.89 10.10 5.61
N TYR A 18 1.06 9.61 6.53
CA TYR A 18 0.86 10.24 7.83
C TYR A 18 0.83 9.19 8.92
N TYR A 19 1.47 9.49 10.05
CA TYR A 19 1.40 8.65 11.23
C TYR A 19 0.17 9.01 12.05
N ALA A 20 -0.50 8.01 12.59
CA ALA A 20 -1.67 8.22 13.45
C ALA A 20 -1.24 8.18 14.92
N THR A 21 -0.72 9.31 15.39
CA THR A 21 -0.25 9.41 16.77
C THR A 21 -1.42 9.44 17.73
N SER A 22 -1.25 8.78 18.86
CA SER A 22 -2.31 8.72 19.84
C SER A 22 -2.38 10.04 20.62
N VAL A 23 -3.57 10.66 20.62
CA VAL A 23 -3.79 11.82 21.47
C VAL A 23 -3.52 11.50 22.93
N MET A 24 -4.28 10.56 23.51
CA MET A 24 -4.05 10.09 24.87
C MET A 24 -2.60 9.65 25.06
N ARG A 25 -1.70 10.58 25.34
CA ARG A 25 -0.31 10.20 25.10
C ARG A 25 0.37 9.73 26.38
N PRO A 26 -0.09 8.61 26.97
CA PRO A 26 0.86 7.49 27.14
C PRO A 26 0.41 6.38 26.20
N GLY A 27 0.70 6.49 24.89
CA GLY A 27 0.21 5.53 23.90
C GLY A 27 0.83 5.62 22.51
N GLY A 28 0.92 4.49 21.78
CA GLY A 28 1.60 4.46 20.50
C GLY A 28 0.67 4.61 19.30
N GLY A 29 1.30 4.86 18.14
CA GLY A 29 0.57 4.91 16.89
C GLY A 29 0.01 3.55 16.46
N LEU A 30 -0.40 3.49 15.18
CA LEU A 30 -1.03 2.30 14.63
C LEU A 30 -0.05 1.48 13.80
N THR A 31 -0.29 0.17 13.74
CA THR A 31 0.55 -0.77 13.00
C THR A 31 -0.31 -1.99 12.65
N LEU A 32 0.35 -3.09 12.29
CA LEU A 32 -0.28 -4.33 11.84
C LEU A 32 0.24 -5.46 12.70
N ALA A 33 -0.64 -6.36 13.16
CA ALA A 33 -0.22 -7.41 14.07
C ALA A 33 -1.03 -8.69 13.88
N ALA A 34 -0.37 -9.82 14.13
CA ALA A 34 -0.99 -11.13 14.27
C ALA A 34 0.07 -12.07 14.84
N PRO A 35 -0.29 -13.16 15.51
CA PRO A 35 0.74 -14.06 16.03
C PRO A 35 1.57 -14.61 14.89
N LYS A 36 2.72 -15.19 15.27
CA LYS A 36 3.68 -15.64 14.27
C LYS A 36 3.02 -16.57 13.28
N GLY A 37 3.06 -16.18 12.00
CA GLY A 37 2.52 -17.00 10.94
C GLY A 37 1.02 -16.95 10.81
N SER A 38 0.35 -16.01 11.45
CA SER A 38 -1.09 -15.87 11.32
C SER A 38 -1.38 -14.89 10.20
N CYS A 39 -2.39 -15.18 9.38
CA CYS A 39 -2.86 -14.21 8.41
C CYS A 39 -4.37 -14.19 8.44
N PRO A 40 -5.02 -13.03 8.23
CA PRO A 40 -4.39 -11.73 7.89
C PRO A 40 -3.95 -10.95 9.13
N LEU A 41 -3.13 -9.93 8.92
CA LEU A 41 -2.83 -8.97 9.98
C LEU A 41 -4.07 -8.15 10.29
N ASN A 42 -4.19 -7.74 11.55
CA ASN A 42 -5.19 -6.79 12.00
C ASN A 42 -4.54 -5.45 12.33
N VAL A 43 -5.35 -4.40 12.32
CA VAL A 43 -4.87 -3.09 12.75
C VAL A 43 -4.78 -3.07 14.27
N ALA A 44 -3.62 -2.66 14.78
CA ALA A 44 -3.31 -2.72 16.21
C ALA A 44 -2.58 -1.45 16.64
N GLN A 45 -2.68 -1.11 17.91
CA GLN A 45 -1.89 -0.04 18.48
C GLN A 45 -0.53 -0.58 18.89
N ALA A 46 0.55 0.03 18.34
CA ALA A 46 1.94 -0.23 18.71
C ALA A 46 2.14 -0.16 20.22
N PRO A 47 3.24 -0.70 20.76
CA PRO A 47 3.55 -0.44 22.17
C PRO A 47 3.99 1.01 22.35
N PHE A 48 3.97 1.45 23.61
CA PHE A 48 4.12 2.88 23.88
C PHE A 48 5.40 3.44 23.25
N ASP A 49 6.49 2.69 23.28
CA ASP A 49 7.76 3.23 22.80
C ASP A 49 7.75 3.57 21.31
N GLU A 50 6.70 3.21 20.56
CA GLU A 50 6.58 3.62 19.15
C GLU A 50 5.47 4.66 19.03
N TYR A 51 5.83 5.93 19.29
CA TYR A 51 4.85 7.00 19.22
C TYR A 51 4.22 7.12 17.83
N SER A 52 5.00 6.87 16.77
CA SER A 52 4.48 7.10 15.44
C SER A 52 3.83 5.86 14.82
N GLY A 53 4.17 4.66 15.26
CA GLY A 53 3.63 3.47 14.61
C GLY A 53 4.16 3.33 13.20
N ARG A 54 3.29 2.94 12.28
CA ARG A 54 3.63 2.86 10.87
C ARG A 54 2.81 3.86 10.07
N PRO A 55 3.29 4.23 8.88
CA PRO A 55 2.59 5.28 8.11
C PRO A 55 1.30 4.78 7.49
N LEU A 56 0.29 5.63 7.51
CA LEU A 56 -0.97 5.42 6.83
C LEU A 56 -1.10 6.40 5.67
N ALA A 57 -1.96 6.04 4.73
CA ALA A 57 -2.36 6.98 3.69
C ALA A 57 -3.85 6.80 3.45
N PHE A 58 -4.51 7.90 3.03
CA PHE A 58 -5.95 7.98 2.93
C PHE A 58 -6.39 8.30 1.51
N PHE A 59 -7.55 7.76 1.15
CA PHE A 59 -8.04 7.80 -0.23
C PHE A 59 -9.53 8.13 -0.20
N PRO A 60 -9.89 9.41 -0.34
CA PRO A 60 -11.31 9.77 -0.33
C PRO A 60 -12.04 9.03 -1.43
N GLU A 61 -13.23 8.53 -1.11
CA GLU A 61 -14.00 7.83 -2.13
C GLU A 61 -14.40 8.74 -3.27
N ASN A 62 -14.44 10.06 -3.02
CA ASN A 62 -14.74 11.04 -4.06
C ASN A 62 -13.45 11.42 -4.79
N ALA A 63 -13.43 11.20 -6.11
CA ALA A 63 -12.17 11.22 -6.84
C ALA A 63 -11.60 12.63 -7.04
N ASP A 64 -12.44 13.67 -6.99
CA ASP A 64 -11.98 15.04 -7.19
C ASP A 64 -11.51 15.68 -5.91
N ASP A 65 -11.90 15.11 -4.78
CA ASP A 65 -11.27 15.44 -3.52
C ASP A 65 -9.82 14.97 -3.58
N ASP A 66 -8.90 15.90 -3.37
CA ASP A 66 -7.50 15.54 -3.23
C ASP A 66 -6.99 15.92 -1.85
N THR A 67 -7.89 16.39 -0.99
CA THR A 67 -7.69 16.47 0.44
C THR A 67 -8.75 15.60 1.09
N VAL A 68 -8.53 15.22 2.34
CA VAL A 68 -9.54 14.44 3.06
C VAL A 68 -10.51 15.41 3.73
N GLN A 69 -11.80 15.18 3.51
CA GLN A 69 -12.84 16.00 4.11
C GLN A 69 -13.44 15.31 5.33
N GLU A 70 -13.67 16.09 6.38
CA GLU A 70 -14.40 15.61 7.53
C GLU A 70 -15.75 15.02 7.15
N GLY A 71 -16.08 13.89 7.74
CA GLY A 71 -17.36 13.25 7.51
C GLY A 71 -17.52 12.53 6.19
N SER A 72 -16.62 12.74 5.21
CA SER A 72 -16.76 12.08 3.92
C SER A 72 -15.99 10.75 3.88
N THR A 73 -16.58 9.74 3.24
CA THR A 73 -16.00 8.39 3.34
C THR A 73 -14.71 8.30 2.55
N LEU A 74 -13.81 7.45 3.05
CA LEU A 74 -12.51 7.21 2.43
C LEU A 74 -12.06 5.79 2.72
N TYR A 75 -10.95 5.42 2.10
CA TYR A 75 -10.24 4.20 2.41
C TYR A 75 -8.95 4.52 3.12
N ILE A 76 -8.46 3.55 3.89
CA ILE A 76 -7.26 3.69 4.68
C ILE A 76 -6.39 2.49 4.41
N MET A 77 -5.07 2.71 4.34
CA MET A 77 -4.14 1.60 4.21
C MET A 77 -2.79 1.95 4.80
N PHE A 78 -2.03 0.91 5.11
CA PHE A 78 -0.61 1.04 5.36
C PHE A 78 0.10 0.78 4.03
N PRO A 79 0.62 1.79 3.38
CA PRO A 79 1.18 1.52 2.04
C PRO A 79 2.55 0.89 2.11
N GLU A 80 2.63 -0.32 2.66
CA GLU A 80 3.90 -1.01 2.72
C GLU A 80 3.66 -2.49 2.44
N PRO A 81 4.69 -3.22 2.07
CA PRO A 81 4.53 -4.66 1.94
C PRO A 81 4.45 -5.27 3.32
N THR A 82 4.07 -6.53 3.30
CA THR A 82 3.58 -7.21 4.48
C THR A 82 3.90 -8.68 4.27
N ARG A 83 3.99 -9.41 5.39
CA ARG A 83 4.19 -10.84 5.33
C ARG A 83 2.95 -11.63 4.91
N CYS A 84 1.81 -10.97 4.75
CA CYS A 84 0.56 -11.61 4.37
C CYS A 84 0.12 -11.09 3.01
N PRO A 85 -0.62 -11.90 2.25
CA PRO A 85 -0.92 -11.57 0.86
C PRO A 85 -2.13 -10.67 0.67
N GLN A 86 -2.94 -10.49 1.72
CA GLN A 86 -4.10 -9.62 1.67
C GLN A 86 -3.65 -8.17 1.55
N SER A 87 -4.51 -7.35 0.93
CA SER A 87 -4.22 -5.92 0.88
C SER A 87 -4.14 -5.36 2.28
N THR A 88 -3.33 -4.32 2.43
CA THR A 88 -3.25 -3.58 3.67
C THR A 88 -4.32 -2.49 3.78
N VAL A 89 -5.39 -2.59 3.00
CA VAL A 89 -6.54 -1.69 3.11
C VAL A 89 -7.38 -2.12 4.31
N TRP A 90 -7.72 -1.16 5.17
CA TRP A 90 -8.54 -1.46 6.33
C TRP A 90 -9.92 -1.90 5.89
N THR A 91 -10.48 -2.87 6.61
CA THR A 91 -11.87 -3.23 6.44
C THR A 91 -12.37 -3.66 7.81
N PHE A 92 -13.64 -3.39 8.09
CA PHE A 92 -14.17 -3.72 9.40
C PHE A 92 -14.80 -5.10 9.32
N ASP A 93 -14.18 -6.09 9.97
CA ASP A 93 -14.73 -7.42 10.07
C ASP A 93 -15.87 -7.37 11.07
N ARG A 94 -17.11 -7.44 10.58
CA ARG A 94 -18.27 -7.35 11.47
C ARG A 94 -18.43 -8.61 12.31
N GLU A 95 -17.90 -9.76 11.88
CA GLU A 95 -18.01 -10.94 12.74
C GLU A 95 -17.08 -10.82 13.94
N ALA A 96 -15.84 -10.38 13.71
CA ALA A 96 -14.86 -10.27 14.78
C ALA A 96 -14.96 -8.97 15.57
N GLY A 97 -15.50 -7.91 14.97
CA GLY A 97 -15.69 -6.69 15.72
C GLY A 97 -14.49 -5.76 15.78
N PHE A 98 -13.45 -5.97 14.97
CA PHE A 98 -12.29 -5.09 14.90
C PHE A 98 -11.91 -4.84 13.44
N VAL A 99 -10.82 -4.10 13.22
CA VAL A 99 -10.40 -3.74 11.86
C VAL A 99 -9.30 -4.69 11.39
N THR A 100 -9.49 -5.27 10.20
CA THR A 100 -8.54 -6.23 9.66
C THR A 100 -8.16 -5.75 8.27
N THR A 101 -7.47 -6.57 7.51
CA THR A 101 -6.94 -6.13 6.23
C THR A 101 -7.72 -6.79 5.11
N GLY A 102 -7.19 -6.67 3.89
CA GLY A 102 -7.89 -7.22 2.74
C GLY A 102 -9.11 -6.40 2.37
N GLY A 103 -8.96 -5.12 2.34
CA GLY A 103 -10.08 -4.29 1.98
C GLY A 103 -10.04 -3.89 0.53
N THR A 104 -11.17 -3.39 0.06
CA THR A 104 -11.36 -3.10 -1.36
C THR A 104 -12.07 -1.77 -1.55
N THR A 105 -11.79 -1.13 -2.67
CA THR A 105 -12.62 -0.03 -3.13
C THR A 105 -13.93 -0.59 -3.69
N SER A 106 -14.95 0.25 -3.67
CA SER A 106 -16.24 -0.10 -4.25
C SER A 106 -16.97 1.18 -4.58
N LYS A 107 -17.63 1.21 -5.73
CA LYS A 107 -18.47 2.35 -6.08
C LYS A 107 -19.94 2.09 -5.79
N ALA A 108 -20.30 0.85 -5.49
CA ALA A 108 -21.70 0.44 -5.44
C ALA A 108 -22.48 1.21 -4.38
N ILE A 109 -23.80 1.03 -4.44
CA ILE A 109 -24.72 1.64 -3.49
C ILE A 109 -24.79 0.83 -2.22
N GLY A 110 -24.48 -0.46 -2.29
CA GLY A 110 -24.47 -1.30 -1.11
C GLY A 110 -23.45 -0.85 -0.08
N PRO A 111 -23.74 -1.14 1.19
CA PRO A 111 -22.76 -0.85 2.24
C PRO A 111 -21.48 -1.62 1.98
N HIS A 112 -20.35 -1.03 2.35
CA HIS A 112 -19.04 -1.65 2.10
C HIS A 112 -18.13 -1.41 3.29
N ASN A 113 -17.56 -2.48 3.83
CA ASN A 113 -16.92 -2.42 5.14
C ASN A 113 -15.52 -1.83 5.13
N SER A 114 -14.98 -1.46 3.97
CA SER A 114 -13.72 -0.73 3.96
C SER A 114 -13.92 0.78 3.96
N ARG A 115 -15.15 1.27 4.15
CA ARG A 115 -15.41 2.70 4.11
C ARG A 115 -15.33 3.28 5.52
N PHE A 116 -14.40 4.21 5.71
CA PHE A 116 -14.25 4.91 6.97
C PHE A 116 -14.42 6.39 6.72
N ALA A 117 -14.76 7.12 7.78
CA ALA A 117 -14.75 8.57 7.76
C ALA A 117 -13.99 9.08 8.97
N ILE A 118 -13.46 10.30 8.86
CA ILE A 118 -12.78 10.97 9.96
C ILE A 118 -13.56 12.20 10.38
N ARG A 119 -13.64 12.41 11.69
CA ARG A 119 -14.39 13.50 12.29
C ARG A 119 -13.58 14.10 13.42
N LYS A 120 -13.82 15.39 13.70
CA LYS A 120 -13.22 16.07 14.84
C LYS A 120 -13.75 15.50 16.15
N ALA A 121 -12.96 15.61 17.20
CA ALA A 121 -13.40 15.30 18.55
C ALA A 121 -13.22 16.54 19.39
N GLY A 122 -14.31 17.04 19.97
CA GLY A 122 -14.28 18.26 20.74
C GLY A 122 -14.45 19.51 19.89
N SER A 126 -14.24 22.77 19.97
CA SER A 126 -12.99 23.30 20.53
C SER A 126 -11.80 22.63 19.88
N GLN A 127 -10.63 23.27 20.00
CA GLN A 127 -9.38 22.88 19.37
C GLN A 127 -8.37 22.40 20.40
N PRO A 128 -7.22 21.79 19.98
CA PRO A 128 -6.44 21.60 18.74
C PRO A 128 -7.12 20.93 17.53
N ARG A 129 -6.45 19.93 17.00
CA ARG A 129 -6.93 19.17 15.86
C ARG A 129 -6.93 17.68 16.22
N ASP A 130 -7.86 17.29 17.10
CA ASP A 130 -8.08 15.89 17.40
C ASP A 130 -9.15 15.31 16.49
N TYR A 131 -9.00 14.03 16.18
CA TYR A 131 -9.97 13.38 15.32
C TYR A 131 -10.26 11.99 15.85
N GLN A 132 -11.31 11.41 15.29
CA GLN A 132 -11.59 10.00 15.45
C GLN A 132 -11.90 9.41 14.09
N ILE A 133 -11.94 8.08 14.03
CA ILE A 133 -12.31 7.34 12.82
C ILE A 133 -13.65 6.67 13.07
N GLU A 134 -14.54 6.78 12.10
CA GLU A 134 -15.83 6.14 12.17
C GLU A 134 -15.88 5.07 11.09
N VAL A 135 -16.57 3.98 11.40
CA VAL A 135 -16.89 2.94 10.43
C VAL A 135 -18.21 3.31 9.75
N CYS A 136 -18.17 3.63 8.46
CA CYS A 136 -19.37 4.14 7.77
C CYS A 136 -19.63 3.36 6.49
N PRO A 137 -20.31 2.23 6.58
CA PRO A 137 -20.51 1.39 5.39
C PRO A 137 -21.15 2.10 4.22
N CYS A 138 -21.86 3.20 4.43
CA CYS A 138 -22.53 3.89 3.34
C CYS A 138 -21.70 5.09 2.90
N SER A 139 -21.43 5.18 1.60
CA SER A 139 -20.64 6.29 1.10
C SER A 139 -21.30 7.62 1.46
N THR A 140 -20.47 8.64 1.56
CA THR A 140 -20.93 9.97 1.92
C THR A 140 -19.91 10.99 1.45
N GLY A 141 -20.37 12.22 1.25
CA GLY A 141 -19.57 13.17 0.51
C GLY A 141 -19.30 12.72 -0.92
N VAL A 142 -20.10 11.82 -1.45
CA VAL A 142 -19.86 11.21 -2.76
C VAL A 142 -21.05 11.54 -3.64
N GLU A 143 -20.78 12.03 -4.85
CA GLU A 143 -21.85 12.42 -5.75
C GLU A 143 -22.25 11.21 -6.61
N ARG A 144 -22.84 10.23 -5.93
CA ARG A 144 -23.44 9.09 -6.60
C ARG A 144 -24.43 8.46 -5.62
N PRO A 145 -25.33 7.60 -6.10
CA PRO A 145 -26.29 6.98 -5.18
C PRO A 145 -25.59 6.27 -4.02
N SER A 146 -26.11 6.47 -2.81
CA SER A 146 -25.52 5.89 -1.61
C SER A 146 -26.62 5.39 -0.69
N CYS A 147 -26.36 4.28 0.00
CA CYS A 147 -27.31 3.77 0.99
C CYS A 147 -27.42 4.74 2.15
N ARG A 148 -28.58 4.72 2.81
CA ARG A 148 -28.95 5.80 3.70
C ARG A 148 -28.65 5.53 5.18
N MET A 149 -28.48 4.28 5.58
CA MET A 149 -28.25 4.00 6.98
C MET A 149 -26.95 4.66 7.47
N GLY A 150 -26.85 4.82 8.79
CA GLY A 150 -25.76 5.55 9.38
C GLY A 150 -24.51 4.71 9.53
N CYS A 151 -23.59 5.22 10.34
CA CYS A 151 -22.33 4.52 10.55
C CYS A 151 -22.47 3.45 11.63
N LEU A 152 -21.56 2.50 11.62
CA LEU A 152 -21.55 1.54 12.70
C LEU A 152 -21.11 2.19 14.00
N GLY A 153 -20.23 3.20 13.92
CA GLY A 153 -19.78 3.90 15.10
C GLY A 153 -18.28 4.15 15.06
N THR A 154 -17.74 4.52 16.22
CA THR A 154 -16.40 5.08 16.33
C THR A 154 -15.42 4.02 16.82
N LEU A 155 -14.19 4.08 16.29
CA LEU A 155 -13.14 3.14 16.68
C LEU A 155 -12.57 3.52 18.02
N GLY A 156 -12.46 2.54 18.93
CA GLY A 156 -11.79 2.74 20.18
C GLY A 156 -10.76 1.65 20.36
N LEU A 157 -9.86 1.85 21.31
CA LEU A 157 -8.87 0.83 21.61
C LEU A 157 -9.54 -0.34 22.32
N ALA A 158 -9.16 -1.57 21.93
CA ALA A 158 -9.83 -2.77 22.40
C ALA A 158 -8.79 -3.75 22.95
N GLU A 159 -8.80 -3.96 24.26
CA GLU A 159 -7.86 -4.89 24.88
C GLU A 159 -8.07 -6.28 24.30
N GLY A 160 -7.02 -6.85 23.71
CA GLY A 160 -7.21 -8.05 22.93
C GLY A 160 -6.49 -9.26 23.44
N GLY A 161 -5.57 -9.10 24.39
CA GLY A 161 -4.65 -10.18 24.73
C GLY A 161 -3.25 -9.85 24.23
N LYS A 162 -2.83 -10.42 23.10
CA LYS A 162 -1.49 -10.11 22.58
C LYS A 162 -1.43 -8.68 22.02
N ASN A 163 -2.55 -8.13 21.58
CA ASN A 163 -2.49 -6.81 20.99
C ASN A 163 -3.70 -6.00 21.38
N VAL A 164 -3.52 -4.69 21.29
CA VAL A 164 -4.60 -3.73 21.37
C VAL A 164 -5.14 -3.51 19.97
N LEU A 165 -6.41 -3.79 19.77
CA LEU A 165 -7.02 -3.69 18.46
C LEU A 165 -7.98 -2.50 18.44
N LEU A 166 -8.64 -2.29 17.31
CA LEU A 166 -9.63 -1.23 17.17
C LEU A 166 -11.01 -1.85 17.00
N ASN A 167 -11.91 -1.59 17.94
CA ASN A 167 -13.30 -2.03 17.82
C ASN A 167 -14.20 -0.80 17.81
N ILE A 168 -15.51 -1.05 17.79
CA ILE A 168 -16.49 0.04 17.90
C ILE A 168 -16.63 0.40 19.36
N ASN A 169 -16.30 1.63 19.71
CA ASN A 169 -16.52 2.09 21.08
C ASN A 169 -16.96 3.55 21.04
N ASN A 170 -18.26 3.78 21.23
CA ASN A 170 -18.74 5.14 20.98
C ASN A 170 -18.40 6.07 22.13
N GLU A 171 -18.42 5.58 23.37
CA GLU A 171 -18.11 6.50 24.46
C GLU A 171 -16.61 6.76 24.60
N SER A 172 -15.75 5.77 24.32
CA SER A 172 -14.32 5.98 24.48
C SER A 172 -13.59 5.80 23.17
N PRO A 173 -13.83 6.69 22.21
CA PRO A 173 -13.12 6.60 20.94
C PRO A 173 -11.61 6.82 21.10
N HIS A 174 -10.84 6.15 20.25
CA HIS A 174 -9.42 6.43 20.17
C HIS A 174 -9.24 7.74 19.40
N THR A 175 -8.89 8.81 20.10
CA THR A 175 -8.65 10.06 19.41
C THR A 175 -7.19 10.14 18.98
N ILE A 176 -6.96 10.77 17.83
CA ILE A 176 -5.65 10.74 17.20
C ILE A 176 -5.36 12.07 16.50
N ARG A 177 -4.07 12.34 16.30
CA ARG A 177 -3.59 13.39 15.42
C ARG A 177 -2.78 12.75 14.29
N PHE A 178 -2.65 13.48 13.19
CA PHE A 178 -1.87 13.04 12.04
C PHE A 178 -0.56 13.81 11.94
N VAL A 179 0.55 13.09 11.87
CA VAL A 179 1.87 13.67 11.73
C VAL A 179 2.41 13.28 10.38
N LYS A 180 2.67 14.26 9.54
CA LYS A 180 3.10 13.94 8.18
C LYS A 180 4.48 13.31 8.20
N VAL A 181 4.75 12.54 7.15
CA VAL A 181 6.01 11.84 7.01
C VAL A 181 6.73 12.32 5.75
N THR B 1 26.32 -1.95 -5.76
CA THR B 1 26.10 -0.96 -4.71
C THR B 1 25.91 0.44 -5.29
N ASN B 2 25.72 0.50 -6.61
CA ASN B 2 25.42 1.75 -7.29
C ASN B 2 23.95 2.09 -7.05
N PRO B 3 23.63 3.22 -6.43
CA PRO B 3 22.21 3.52 -6.16
C PRO B 3 21.44 3.82 -7.43
N VAL B 4 20.25 3.22 -7.54
CA VAL B 4 19.36 3.54 -8.63
C VAL B 4 18.91 4.99 -8.52
N LEU B 5 18.77 5.66 -9.67
CA LEU B 5 18.57 7.10 -9.70
C LEU B 5 17.32 7.44 -10.49
N ASP B 6 16.54 8.42 -10.04
CA ASP B 6 15.35 8.77 -10.82
C ASP B 6 15.80 9.58 -12.04
N VAL B 7 14.84 10.24 -12.69
CA VAL B 7 15.16 11.04 -13.87
C VAL B 7 15.85 12.35 -13.46
N ASP B 8 15.42 12.94 -12.34
CA ASP B 8 16.07 14.11 -11.76
C ASP B 8 17.43 13.81 -11.17
N GLY B 9 17.88 12.56 -11.22
CA GLY B 9 19.22 12.19 -10.80
C GLY B 9 19.39 11.89 -9.33
N ASN B 10 18.32 11.89 -8.54
CA ASN B 10 18.44 11.56 -7.12
C ASN B 10 18.09 10.10 -6.87
N GLU B 11 18.57 9.59 -5.75
CA GLU B 11 18.44 8.18 -5.44
C GLU B 11 17.01 7.85 -5.02
N LEU B 12 16.51 6.73 -5.52
CA LEU B 12 15.19 6.23 -5.13
C LEU B 12 15.12 6.06 -3.62
N GLN B 13 14.15 6.73 -3.00
CA GLN B 13 13.94 6.67 -1.56
C GLN B 13 12.93 5.60 -1.19
N ARG B 14 13.00 5.16 0.05
CA ARG B 14 12.25 3.99 0.50
C ARG B 14 10.74 4.23 0.45
N GLY B 15 10.07 3.51 -0.43
CA GLY B 15 8.63 3.51 -0.42
C GLY B 15 8.00 4.85 -0.78
N GLN B 16 8.61 5.58 -1.70
CA GLN B 16 8.01 6.80 -2.22
C GLN B 16 7.58 6.60 -3.66
N LEU B 17 6.74 7.50 -4.14
CA LEU B 17 6.04 7.24 -5.39
C LEU B 17 6.92 7.63 -6.57
N TYR B 18 6.93 6.77 -7.57
CA TYR B 18 7.74 6.95 -8.76
C TYR B 18 6.96 6.29 -9.90
N TYR B 19 6.67 7.05 -10.96
CA TYR B 19 6.08 6.37 -12.10
C TYR B 19 7.14 5.54 -12.80
N ALA B 20 6.70 4.53 -13.53
CA ALA B 20 7.60 3.64 -14.27
C ALA B 20 7.34 3.86 -15.75
N THR B 21 7.85 4.98 -16.26
CA THR B 21 7.62 5.36 -17.66
C THR B 21 8.52 4.58 -18.61
N SER B 22 8.01 4.38 -19.82
CA SER B 22 8.65 3.52 -20.80
C SER B 22 9.71 4.27 -21.61
N VAL B 23 10.74 3.54 -22.04
CA VAL B 23 11.87 4.09 -22.79
C VAL B 23 11.53 4.10 -24.28
N MET B 24 11.31 2.92 -24.85
CA MET B 24 10.73 2.79 -26.17
C MET B 24 9.31 3.36 -26.12
N ARG B 25 9.04 4.44 -26.88
CA ARG B 25 7.77 5.13 -26.74
C ARG B 25 6.75 4.83 -27.83
N PRO B 26 6.42 3.57 -28.10
CA PRO B 26 5.03 3.23 -28.47
C PRO B 26 4.14 2.97 -27.27
N GLY B 27 4.59 3.29 -26.06
CA GLY B 27 3.84 2.98 -24.86
C GLY B 27 4.41 3.72 -23.67
N GLY B 28 3.68 3.61 -22.56
CA GLY B 28 4.05 4.33 -21.35
C GLY B 28 4.04 3.49 -20.09
N GLY B 29 3.36 3.99 -19.05
CA GLY B 29 3.55 3.53 -17.70
C GLY B 29 2.94 2.17 -17.41
N LEU B 30 2.94 1.83 -16.11
CA LEU B 30 2.46 0.55 -15.63
C LEU B 30 1.34 0.75 -14.62
N THR B 31 0.47 -0.25 -14.54
CA THR B 31 -0.75 -0.17 -13.74
C THR B 31 -1.22 -1.60 -13.46
N LEU B 32 -2.40 -1.72 -12.87
CA LEU B 32 -3.01 -3.02 -12.63
C LEU B 32 -4.26 -3.12 -13.48
N ALA B 33 -4.45 -4.30 -14.07
CA ALA B 33 -5.64 -4.56 -14.86
C ALA B 33 -5.94 -6.04 -14.78
N ALA B 34 -7.22 -6.36 -14.84
CA ALA B 34 -7.68 -7.74 -14.87
C ALA B 34 -9.07 -7.75 -15.50
N PRO B 35 -9.49 -8.88 -16.03
CA PRO B 35 -10.84 -8.95 -16.63
C PRO B 35 -11.88 -8.50 -15.62
N LYS B 36 -12.93 -7.84 -16.14
CA LYS B 36 -14.02 -7.32 -15.34
C LYS B 36 -14.39 -8.26 -14.20
N GLY B 37 -14.40 -7.72 -12.99
CA GLY B 37 -14.80 -8.50 -11.83
C GLY B 37 -13.97 -9.74 -11.58
N SER B 38 -12.73 -9.76 -12.04
CA SER B 38 -11.80 -10.84 -11.78
C SER B 38 -10.68 -10.34 -10.88
N CYS B 39 -10.07 -11.28 -10.14
CA CYS B 39 -8.99 -10.99 -9.20
C CYS B 39 -8.04 -12.19 -9.18
N PRO B 40 -6.76 -11.97 -8.88
CA PRO B 40 -6.11 -10.70 -8.58
C PRO B 40 -5.77 -9.94 -9.83
N LEU B 41 -5.32 -8.71 -9.67
CA LEU B 41 -4.95 -7.95 -10.83
C LEU B 41 -3.51 -8.28 -11.20
N ASN B 42 -3.20 -8.11 -12.49
CA ASN B 42 -1.86 -8.33 -13.00
C ASN B 42 -1.20 -6.99 -13.25
N VAL B 43 0.12 -6.99 -13.22
CA VAL B 43 0.83 -5.78 -13.57
C VAL B 43 0.80 -5.63 -15.08
N ALA B 44 0.37 -4.46 -15.55
CA ALA B 44 0.04 -4.23 -16.94
C ALA B 44 0.66 -2.92 -17.40
N GLN B 45 0.79 -2.78 -18.71
CA GLN B 45 1.39 -1.59 -19.29
C GLN B 45 0.30 -0.66 -19.82
N ALA B 46 0.49 0.64 -19.59
CA ALA B 46 -0.39 1.65 -20.14
C ALA B 46 0.28 2.27 -21.35
N PRO B 47 -0.15 1.95 -22.58
CA PRO B 47 0.58 2.42 -23.77
C PRO B 47 0.42 3.89 -24.18
N PHE B 48 0.44 4.83 -23.22
CA PHE B 48 0.58 6.26 -23.53
C PHE B 48 0.63 7.13 -22.26
N SER B 52 0.84 7.43 -19.07
CA SER B 52 1.39 7.95 -17.84
C SER B 52 1.59 6.85 -16.80
N GLY B 53 0.51 6.44 -16.12
CA GLY B 53 0.52 5.25 -15.28
C GLY B 53 -0.01 5.48 -13.87
N ARG B 54 0.23 4.50 -12.99
CA ARG B 54 -0.06 4.52 -11.56
C ARG B 54 1.23 4.39 -10.76
N PRO B 55 1.41 5.13 -9.69
CA PRO B 55 2.74 5.25 -9.07
C PRO B 55 3.12 4.00 -8.29
N LEU B 56 4.41 3.93 -7.98
CA LEU B 56 5.03 2.74 -7.44
C LEU B 56 5.91 3.11 -6.26
N ALA B 57 6.04 2.18 -5.33
CA ALA B 57 7.00 2.30 -4.25
C ALA B 57 7.92 1.09 -4.26
N PHE B 58 9.11 1.27 -3.69
CA PHE B 58 10.13 0.24 -3.71
C PHE B 58 10.60 -0.03 -2.30
N PHE B 59 10.91 -1.29 -2.00
CA PHE B 59 11.15 -1.68 -0.61
C PHE B 59 12.29 -2.68 -0.55
N PRO B 60 13.50 -2.20 -0.31
CA PRO B 60 14.65 -3.10 -0.18
C PRO B 60 14.46 -4.11 0.94
N GLU B 61 14.81 -5.36 0.65
CA GLU B 61 14.75 -6.40 1.68
C GLU B 61 15.59 -6.02 2.89
N ASN B 62 16.74 -5.41 2.67
CA ASN B 62 17.58 -5.04 3.80
C ASN B 62 16.91 -3.90 4.54
N ALA B 63 16.33 -4.21 5.71
CA ALA B 63 15.48 -3.26 6.42
C ALA B 63 16.15 -1.90 6.60
N ASP B 64 17.48 -1.87 6.62
CA ASP B 64 18.21 -0.63 6.87
C ASP B 64 18.60 0.11 5.60
N ASP B 65 18.51 -0.52 4.42
CA ASP B 65 18.71 0.22 3.18
C ASP B 65 17.56 1.20 3.01
N ASP B 66 17.89 2.50 3.05
CA ASP B 66 16.93 3.54 2.69
C ASP B 66 16.97 3.82 1.19
N THR B 67 18.12 3.67 0.57
CA THR B 67 18.30 3.95 -0.84
C THR B 67 18.32 2.65 -1.62
N VAL B 68 17.57 2.62 -2.72
CA VAL B 68 17.55 1.46 -3.58
C VAL B 68 18.91 1.26 -4.25
N GLN B 69 19.70 0.30 -3.75
CA GLN B 69 20.93 -0.04 -4.42
C GLN B 69 20.63 -0.91 -5.64
N GLU B 70 21.57 -0.90 -6.58
CA GLU B 70 21.42 -1.68 -7.80
C GLU B 70 21.70 -3.14 -7.50
N GLY B 71 20.84 -4.04 -7.98
CA GLY B 71 20.99 -5.47 -7.75
C GLY B 71 20.48 -5.96 -6.40
N SER B 72 20.38 -5.12 -5.39
CA SER B 72 19.79 -5.56 -4.14
C SER B 72 18.33 -5.92 -4.37
N THR B 73 17.91 -7.06 -3.81
CA THR B 73 16.51 -7.45 -3.96
C THR B 73 15.62 -6.50 -3.18
N LEU B 74 14.41 -6.32 -3.70
CA LEU B 74 13.45 -5.43 -3.07
C LEU B 74 12.06 -5.93 -3.40
N TYR B 75 11.10 -5.38 -2.70
CA TYR B 75 9.71 -5.62 -3.01
C TYR B 75 9.17 -4.42 -3.78
N ILE B 76 8.17 -4.66 -4.62
CA ILE B 76 7.57 -3.65 -5.48
C ILE B 76 6.06 -3.67 -5.27
N MET B 77 5.45 -2.49 -5.14
CA MET B 77 4.00 -2.49 -5.00
C MET B 77 3.41 -1.19 -5.54
N PHE B 78 2.09 -1.22 -5.76
CA PHE B 78 1.28 -0.04 -6.05
C PHE B 78 0.55 0.40 -4.78
N PRO B 79 1.11 1.31 -4.02
CA PRO B 79 0.54 1.61 -2.69
C PRO B 79 -0.77 2.37 -2.78
N GLU B 80 -1.77 1.78 -3.40
CA GLU B 80 -3.08 2.40 -3.51
C GLU B 80 -4.13 1.33 -3.32
N PRO B 81 -5.34 1.71 -2.90
CA PRO B 81 -6.40 0.72 -2.78
C PRO B 81 -6.79 0.18 -4.13
N THR B 82 -7.63 -0.84 -4.09
CA THR B 82 -7.90 -1.66 -5.26
C THR B 82 -9.25 -2.36 -5.06
N ARG B 83 -9.94 -2.63 -6.16
CA ARG B 83 -11.17 -3.40 -6.11
C ARG B 83 -10.93 -4.86 -5.79
N CYS B 84 -9.67 -5.29 -5.59
CA CYS B 84 -9.27 -6.67 -5.28
C CYS B 84 -8.65 -6.77 -3.89
N PRO B 85 -8.92 -7.88 -3.19
CA PRO B 85 -8.45 -8.03 -1.79
C PRO B 85 -7.00 -8.43 -1.63
N GLN B 86 -6.26 -8.65 -2.71
CA GLN B 86 -4.86 -9.00 -2.60
C GLN B 86 -4.01 -7.74 -2.45
N SER B 87 -2.88 -7.88 -1.76
CA SER B 87 -1.97 -6.74 -1.69
C SER B 87 -1.48 -6.41 -3.09
N THR B 88 -1.07 -5.16 -3.26
CA THR B 88 -0.58 -4.73 -4.55
C THR B 88 0.90 -5.01 -4.72
N VAL B 89 1.46 -5.83 -3.84
CA VAL B 89 2.86 -6.23 -3.96
C VAL B 89 3.03 -7.16 -5.15
N TRP B 90 4.02 -6.90 -5.99
CA TRP B 90 4.23 -7.73 -7.16
C TRP B 90 4.71 -9.10 -6.73
N THR B 91 4.34 -10.10 -7.51
CA THR B 91 4.86 -11.44 -7.30
C THR B 91 4.80 -12.19 -8.61
N PHE B 92 5.81 -13.03 -8.81
CA PHE B 92 5.97 -13.80 -10.04
C PHE B 92 5.81 -15.28 -9.70
N ASP B 93 4.58 -15.75 -9.74
CA ASP B 93 4.36 -17.19 -9.74
C ASP B 93 4.42 -17.68 -11.18
N ARG B 94 5.26 -18.68 -11.44
CA ARG B 94 5.60 -19.06 -12.81
C ARG B 94 4.54 -19.95 -13.45
N GLU B 95 3.30 -19.90 -12.94
CA GLU B 95 2.22 -20.69 -13.51
C GLU B 95 1.92 -20.28 -14.94
N ALA B 96 1.64 -19.00 -15.15
CA ALA B 96 1.42 -18.45 -16.48
C ALA B 96 2.46 -17.39 -16.83
N GLY B 97 3.53 -17.28 -16.05
CA GLY B 97 4.62 -16.39 -16.35
C GLY B 97 4.35 -14.91 -16.14
N PHE B 98 3.17 -14.53 -15.64
CA PHE B 98 2.80 -13.11 -15.53
C PHE B 98 3.01 -12.60 -14.11
N VAL B 99 3.70 -11.47 -13.99
CA VAL B 99 3.75 -10.70 -12.75
C VAL B 99 2.34 -10.39 -12.29
N THR B 100 2.03 -10.77 -11.04
CA THR B 100 0.67 -10.60 -10.55
C THR B 100 0.70 -9.86 -9.22
N THR B 101 -0.39 -9.85 -8.48
CA THR B 101 -0.36 -9.18 -7.19
C THR B 101 -0.47 -10.21 -6.06
N GLY B 102 -0.57 -9.71 -4.83
CA GLY B 102 -0.64 -10.60 -3.70
C GLY B 102 0.72 -11.06 -3.21
N GLY B 103 1.76 -10.26 -3.42
CA GLY B 103 3.07 -10.60 -2.92
C GLY B 103 3.19 -10.38 -1.40
N THR B 104 4.27 -10.90 -0.85
CA THR B 104 4.55 -10.83 0.57
C THR B 104 6.02 -10.59 0.80
N THR B 105 6.35 -9.96 1.93
CA THR B 105 7.73 -10.00 2.34
C THR B 105 8.10 -11.42 2.77
N SER B 106 9.39 -11.66 2.92
CA SER B 106 9.88 -12.97 3.33
C SER B 106 11.32 -12.80 3.79
N LYS B 107 11.67 -13.44 4.90
CA LYS B 107 13.07 -13.60 5.24
C LYS B 107 13.55 -15.01 4.94
N ALA B 108 12.76 -15.80 4.19
CA ALA B 108 13.15 -17.14 3.81
C ALA B 108 14.60 -17.17 3.33
N ILE B 109 15.30 -18.26 3.67
CA ILE B 109 16.59 -18.46 3.03
C ILE B 109 16.40 -18.93 1.60
N GLY B 110 15.29 -19.65 1.32
CA GLY B 110 15.01 -20.14 -0.01
C GLY B 110 14.56 -19.04 -0.95
N PRO B 111 14.20 -19.44 -2.16
CA PRO B 111 13.69 -18.47 -3.14
C PRO B 111 12.29 -17.99 -2.77
N HIS B 112 11.97 -16.74 -3.14
CA HIS B 112 10.66 -16.22 -2.83
C HIS B 112 10.10 -15.41 -4.00
N ASN B 113 8.84 -15.65 -4.34
CA ASN B 113 8.30 -15.23 -5.62
C ASN B 113 8.15 -13.73 -5.78
N SER B 114 8.34 -12.94 -4.72
CA SER B 114 8.07 -11.52 -4.80
C SER B 114 9.33 -10.68 -4.74
N ARG B 115 10.48 -11.28 -5.05
CA ARG B 115 11.77 -10.60 -4.90
C ARG B 115 12.25 -10.14 -6.28
N PHE B 116 12.45 -8.83 -6.43
CA PHE B 116 12.85 -8.26 -7.70
C PHE B 116 14.08 -7.38 -7.49
N ALA B 117 14.78 -7.09 -8.60
CA ALA B 117 15.96 -6.24 -8.56
C ALA B 117 16.01 -5.35 -9.80
N ILE B 118 16.78 -4.27 -9.68
CA ILE B 118 16.90 -3.29 -10.77
C ILE B 118 18.37 -3.15 -11.17
N ARG B 119 18.65 -3.42 -12.45
CA ARG B 119 19.98 -3.31 -13.05
C ARG B 119 19.96 -2.29 -14.19
N LYS B 120 21.05 -1.53 -14.34
CA LYS B 120 21.18 -0.64 -15.50
C LYS B 120 21.08 -1.41 -16.80
N ALA B 121 20.73 -0.68 -17.87
CA ALA B 121 20.77 -1.18 -19.22
C ALA B 121 22.09 -0.90 -19.93
N GLY B 122 22.99 -0.11 -19.32
CA GLY B 122 24.28 0.17 -19.92
C GLY B 122 24.76 1.60 -19.76
N ASP B 123 25.87 1.79 -19.05
CA ASP B 123 26.45 3.11 -18.83
C ASP B 123 26.64 3.92 -20.11
N ASP B 130 19.12 2.56 -12.91
CA ASP B 130 17.76 2.29 -13.37
C ASP B 130 17.63 1.10 -14.31
N TYR B 131 16.57 1.19 -15.12
CA TYR B 131 16.49 0.75 -16.52
C TYR B 131 15.82 -0.61 -16.70
N GLN B 132 16.14 -1.66 -15.93
CA GLN B 132 15.35 -2.88 -16.09
C GLN B 132 15.14 -3.56 -14.73
N ILE B 133 14.35 -4.64 -14.75
CA ILE B 133 13.85 -5.27 -13.53
C ILE B 133 13.98 -6.77 -13.67
N GLU B 134 14.63 -7.40 -12.70
CA GLU B 134 14.89 -8.82 -12.74
C GLU B 134 14.13 -9.56 -11.64
N VAL B 135 13.64 -10.75 -11.99
CA VAL B 135 13.05 -11.69 -11.05
C VAL B 135 14.21 -12.44 -10.40
N CYS B 136 14.58 -12.04 -9.17
CA CYS B 136 15.64 -12.67 -8.39
C CYS B 136 15.04 -13.32 -7.16
N PRO B 137 14.68 -14.60 -7.21
CA PRO B 137 14.03 -15.21 -6.05
C PRO B 137 14.92 -15.31 -4.81
N CYS B 138 16.25 -15.17 -4.93
CA CYS B 138 17.17 -15.31 -3.80
C CYS B 138 17.67 -13.96 -3.33
N SER B 139 17.68 -13.74 -2.01
CA SER B 139 17.92 -12.42 -1.47
C SER B 139 19.39 -12.01 -1.66
N THR B 140 19.60 -10.77 -2.06
CA THR B 140 20.93 -10.20 -2.23
C THR B 140 21.02 -8.87 -1.49
N GLY B 141 22.20 -8.57 -0.99
CA GLY B 141 22.35 -7.32 -0.29
C GLY B 141 21.66 -7.28 1.05
N VAL B 142 21.44 -8.44 1.66
CA VAL B 142 20.85 -8.50 2.99
C VAL B 142 21.79 -9.26 3.91
N GLU B 143 21.68 -8.97 5.21
CA GLU B 143 22.54 -9.59 6.23
C GLU B 143 22.33 -11.10 6.29
N ARG B 144 21.10 -11.51 6.58
CA ARG B 144 20.60 -12.87 6.78
C ARG B 144 21.09 -13.92 5.78
N PRO B 145 20.90 -15.21 6.10
CA PRO B 145 21.21 -16.26 5.12
C PRO B 145 20.35 -16.15 3.88
N SER B 146 20.94 -16.55 2.74
CA SER B 146 20.32 -16.42 1.42
C SER B 146 20.89 -17.48 0.49
N CYS B 147 20.00 -18.12 -0.28
CA CYS B 147 20.41 -19.05 -1.30
C CYS B 147 21.24 -18.34 -2.40
N ARG B 148 21.82 -19.14 -3.29
CA ARG B 148 22.87 -18.66 -4.16
C ARG B 148 22.43 -18.44 -5.59
N MET B 149 21.19 -18.78 -5.96
CA MET B 149 20.80 -18.70 -7.36
C MET B 149 20.96 -17.29 -7.93
N GLY B 150 21.49 -17.22 -9.14
CA GLY B 150 21.41 -16.01 -9.91
C GLY B 150 19.98 -15.71 -10.27
N CYS B 151 19.75 -14.48 -10.73
CA CYS B 151 18.38 -14.07 -11.06
C CYS B 151 17.80 -14.95 -12.16
N LEU B 152 16.48 -15.07 -12.15
CA LEU B 152 15.81 -15.90 -13.15
C LEU B 152 15.73 -15.21 -14.51
N GLY B 153 15.97 -13.89 -14.57
CA GLY B 153 15.95 -13.16 -15.83
C GLY B 153 15.23 -11.83 -15.81
N THR B 154 15.31 -11.10 -16.92
CA THR B 154 14.75 -9.76 -17.01
C THR B 154 13.29 -9.80 -17.46
N LEU B 155 12.52 -8.85 -16.95
CA LEU B 155 11.11 -8.73 -17.26
C LEU B 155 10.90 -7.97 -18.57
N GLY B 156 9.78 -8.26 -19.24
CA GLY B 156 9.45 -7.57 -20.46
C GLY B 156 8.01 -7.82 -20.85
N LEU B 157 7.59 -7.18 -21.94
CA LEU B 157 6.18 -7.16 -22.31
C LEU B 157 5.71 -8.51 -22.86
N ALA B 158 4.39 -8.73 -22.77
CA ALA B 158 3.77 -9.97 -23.22
C ALA B 158 2.37 -9.66 -23.73
N GLU B 159 2.11 -9.91 -25.02
CA GLU B 159 0.83 -9.58 -25.66
C GLU B 159 0.15 -10.82 -26.21
N GLY B 160 -1.04 -10.60 -26.77
CA GLY B 160 -1.88 -11.67 -27.29
C GLY B 160 -3.30 -11.58 -26.75
N GLY B 161 -3.46 -10.85 -25.64
CA GLY B 161 -4.74 -10.70 -25.00
C GLY B 161 -5.11 -9.26 -24.74
N LYS B 162 -6.06 -9.04 -23.83
CA LYS B 162 -6.66 -7.73 -23.66
C LYS B 162 -5.68 -6.68 -23.14
N ASN B 163 -4.56 -7.08 -22.56
CA ASN B 163 -3.65 -6.12 -21.95
C ASN B 163 -2.22 -6.63 -22.06
N VAL B 164 -1.27 -5.69 -22.05
CA VAL B 164 0.14 -6.05 -22.10
C VAL B 164 0.64 -6.26 -20.67
N LEU B 165 1.15 -7.45 -20.40
CA LEU B 165 1.56 -7.88 -19.07
C LEU B 165 3.08 -7.90 -18.97
N LEU B 166 3.59 -8.51 -17.91
CA LEU B 166 5.02 -8.63 -17.66
C LEU B 166 5.34 -10.10 -17.41
N ASN B 167 6.05 -10.71 -18.33
CA ASN B 167 6.53 -12.04 -18.12
C ASN B 167 8.04 -12.00 -18.29
N ILE B 168 8.66 -13.16 -18.16
CA ILE B 168 10.10 -13.24 -18.26
C ILE B 168 10.46 -13.40 -19.73
N ASN B 169 11.26 -12.46 -20.24
CA ASN B 169 11.69 -12.44 -21.64
C ASN B 169 13.01 -11.69 -21.67
N ASN B 170 14.12 -12.44 -21.75
CA ASN B 170 15.41 -11.82 -21.55
C ASN B 170 15.91 -11.09 -22.79
N GLU B 171 15.69 -11.67 -23.98
CA GLU B 171 16.18 -11.02 -25.18
C GLU B 171 15.41 -9.74 -25.51
N SER B 172 14.27 -9.50 -24.86
CA SER B 172 13.49 -8.27 -25.05
C SER B 172 13.10 -7.68 -23.70
N PRO B 173 14.07 -7.18 -22.93
CA PRO B 173 13.77 -6.62 -21.61
C PRO B 173 13.17 -5.23 -21.71
N HIS B 174 11.94 -5.09 -21.23
CA HIS B 174 11.27 -3.79 -21.17
C HIS B 174 12.06 -2.80 -20.29
N THR B 175 12.76 -1.89 -20.92
CA THR B 175 13.53 -0.86 -20.22
C THR B 175 12.63 0.30 -19.80
N ILE B 176 12.99 0.95 -18.70
CA ILE B 176 12.22 2.06 -18.14
C ILE B 176 13.17 3.03 -17.46
N ARG B 177 12.66 4.23 -17.15
CA ARG B 177 13.31 5.19 -16.27
C ARG B 177 12.28 5.58 -15.20
N PHE B 178 12.75 6.17 -14.11
CA PHE B 178 11.91 6.40 -12.94
C PHE B 178 11.64 7.89 -12.75
N VAL B 179 10.37 8.23 -12.55
CA VAL B 179 9.93 9.61 -12.41
C VAL B 179 9.37 9.82 -11.01
N LYS B 180 10.16 10.43 -10.12
CA LYS B 180 9.68 10.74 -8.78
C LYS B 180 8.46 11.68 -8.83
N VAL B 181 7.46 11.38 -8.01
CA VAL B 181 6.22 12.17 -7.97
C VAL B 181 6.41 13.43 -7.13
#